data_4CAX
#
_entry.id   4CAX
#
_cell.length_a   50.985
_cell.length_b   58.576
_cell.length_c   152.528
_cell.angle_alpha   90.00
_cell.angle_beta   90.00
_cell.angle_gamma   90.00
#
_symmetry.space_group_name_H-M   'P 21 21 21'
#
loop_
_entity.id
_entity.type
_entity.pdbx_description
1 polymer 'GLYCYLPEPTIDE N-TETRADECANOYLTRANSFERASE'
2 non-polymer TETRADECANOYL-COA
3 non-polymer 2,6-dichloro-4-(2-piperazin-1-ylpyridin-4-yl)-N-(1,3,5-trimethyl-1H-pyrazol-4-yl)benzenesulfonamide
4 water water
#
_entity_poly.entity_id   1
_entity_poly.type   'polypeptide(L)'
_entity_poly.pdbx_seq_one_letter_code
;GPRSQTQPVPRFDETSTDTGGPIKIIDPEKVSKEPDALLEGFEWATLDLTNETELQELWDLLTYHYVEDDNAMFRFRYSQ
SFLHWALMSPGWKKEWHVGVRATKSRKLVASICGVPTEINVRNQKLKVVEINFLCIHKKLRSKRLTPVLIKEITRRCYLN
GIYQAIYTAGVVLPTPVSSCRYYHRPLDWLKLYEVGFSPLPAGSTKARQITKNHLPSTTSTPGLRPMEPKDIDTVHDLLQ
RYLSRFALNQAFTREEVDHWLVHKPETVKEQVVWAYVVEDPETHKITDFFSFYNLESTVIQNPKHDNVRAAYLYYYATET
AFTNNMKALKERLLMLMNDALILAKKAHFDVFNALTLHDNPLFLEQLKFGAGDGQLHFYLYNYRTAPVPGGVNEKNLPDE
KRMGGVGIVML
;
_entity_poly.pdbx_strand_id   A
#
loop_
_chem_comp.id
_chem_comp.type
_chem_comp.name
_chem_comp.formula
646 non-polymer 2,6-dichloro-4-(2-piperazin-1-ylpyridin-4-yl)-N-(1,3,5-trimethyl-1H-pyrazol-4-yl)benzenesulfonamide 'C21 H24 Cl2 N6 O2 S'
MYA non-polymer TETRADECANOYL-COA 'C35 H62 N7 O17 P3 S'
#
# COMPACT_ATOMS: atom_id res chain seq x y z
N GLY A 20 -2.99 18.49 18.55
CA GLY A 20 -2.70 17.03 18.38
C GLY A 20 -1.51 16.63 19.22
N GLY A 21 -1.36 15.34 19.49
CA GLY A 21 -0.24 14.86 20.28
C GLY A 21 -0.43 13.45 20.76
N PRO A 22 0.57 12.90 21.46
CA PRO A 22 0.44 11.54 21.97
C PRO A 22 -0.67 11.46 22.99
N ILE A 23 -1.34 10.31 23.05
CA ILE A 23 -2.44 10.14 23.99
C ILE A 23 -1.91 9.84 25.40
N LYS A 24 -0.96 8.91 25.50
CA LYS A 24 -0.34 8.57 26.78
C LYS A 24 1.17 8.41 26.62
N ILE A 25 1.91 8.62 27.72
CA ILE A 25 3.35 8.37 27.76
C ILE A 25 3.57 6.97 28.31
N ILE A 26 4.35 6.17 27.60
CA ILE A 26 4.65 4.81 28.02
C ILE A 26 5.82 4.84 29.00
N ASP A 27 5.64 4.17 30.14
CA ASP A 27 6.68 4.06 31.16
C ASP A 27 7.60 2.91 30.78
N PRO A 28 8.80 3.23 30.27
CA PRO A 28 9.80 2.25 29.91
C PRO A 28 9.93 1.20 31.00
N GLU A 29 9.93 1.66 32.24
CA GLU A 29 10.04 0.79 33.41
C GLU A 29 8.99 -0.31 33.55
N LYS A 30 7.79 -0.12 33.01
CA LYS A 30 6.74 -1.08 33.26
C LYS A 30 6.41 -1.96 32.06
N VAL A 31 7.23 -1.91 31.02
CA VAL A 31 6.98 -2.78 29.87
C VAL A 31 7.40 -4.21 30.20
N SER A 32 6.44 -5.12 30.16
CA SER A 32 6.70 -6.51 30.54
C SER A 32 7.68 -7.18 29.60
N LYS A 33 8.63 -7.93 30.17
CA LYS A 33 9.64 -8.66 29.40
C LYS A 33 9.10 -9.97 28.87
N GLU A 34 7.91 -10.35 29.33
CA GLU A 34 7.31 -11.61 28.90
C GLU A 34 5.93 -11.38 28.31
N PRO A 35 5.61 -12.14 27.26
CA PRO A 35 4.34 -11.96 26.60
C PRO A 35 3.22 -12.58 27.42
N ASP A 36 1.99 -12.21 27.11
CA ASP A 36 0.80 -12.80 27.73
C ASP A 36 0.61 -14.25 27.28
N ALA A 37 -0.26 -14.97 27.97
CA ALA A 37 -0.61 -16.34 27.62
C ALA A 37 -1.44 -16.42 26.36
N LEU A 38 -1.35 -17.55 25.68
CA LEU A 38 -2.11 -17.82 24.47
C LEU A 38 -3.07 -18.98 24.67
N LEU A 39 -4.06 -19.05 23.80
CA LEU A 39 -4.90 -20.23 23.65
C LEU A 39 -4.10 -21.52 23.80
N GLU A 40 -4.60 -22.41 24.63
CA GLU A 40 -3.97 -23.71 24.85
C GLU A 40 -3.63 -24.42 23.53
N GLY A 41 -2.37 -24.85 23.40
CA GLY A 41 -1.93 -25.56 22.21
C GLY A 41 -1.14 -24.68 21.25
N PHE A 42 -1.03 -23.40 21.58
CA PHE A 42 -0.35 -22.45 20.71
C PHE A 42 0.73 -21.67 21.46
N GLU A 43 1.69 -21.15 20.71
CA GLU A 43 2.78 -20.43 21.32
C GLU A 43 3.24 -19.30 20.41
N TRP A 44 3.85 -18.29 21.01
CA TRP A 44 4.46 -17.19 20.28
C TRP A 44 5.69 -17.67 19.51
N ALA A 45 5.90 -17.11 18.33
CA ALA A 45 7.14 -17.35 17.58
C ALA A 45 7.51 -16.14 16.73
N THR A 46 8.65 -15.56 17.04
CA THR A 46 9.25 -14.58 16.15
C THR A 46 9.56 -15.23 14.80
N LEU A 47 9.26 -14.53 13.72
CA LEU A 47 9.53 -15.06 12.38
C LEU A 47 10.85 -14.50 11.90
N ASP A 48 11.65 -15.34 11.26
CA ASP A 48 12.87 -14.90 10.60
C ASP A 48 12.67 -14.97 9.08
N LEU A 49 12.35 -13.83 8.47
CA LEU A 49 11.99 -13.83 7.05
C LEU A 49 13.21 -13.91 6.11
N THR A 50 14.41 -13.95 6.71
CA THR A 50 15.62 -14.26 5.94
C THR A 50 15.77 -15.77 5.75
N ASN A 51 15.03 -16.55 6.55
CA ASN A 51 14.94 -18.00 6.36
C ASN A 51 13.88 -18.30 5.30
N GLU A 52 14.28 -19.00 4.24
CA GLU A 52 13.34 -19.26 3.14
C GLU A 52 12.10 -20.07 3.52
N THR A 53 12.31 -21.07 4.36
CA THR A 53 11.23 -21.90 4.82
C THR A 53 10.21 -21.10 5.65
N GLU A 54 10.68 -20.18 6.50
CA GLU A 54 9.75 -19.36 7.28
C GLU A 54 9.03 -18.36 6.41
N LEU A 55 9.73 -17.83 5.41
CA LEU A 55 9.08 -16.93 4.46
C LEU A 55 7.97 -17.68 3.74
N GLN A 56 8.26 -18.91 3.33
CA GLN A 56 7.26 -19.77 2.69
C GLN A 56 6.08 -20.01 3.62
N GLU A 57 6.37 -20.23 4.90
CA GLU A 57 5.30 -20.47 5.87
C GLU A 57 4.36 -19.28 5.94
N LEU A 58 4.91 -18.07 6.02
CA LEU A 58 4.07 -16.89 6.06
C LEU A 58 3.28 -16.78 4.76
N TRP A 59 3.94 -17.03 3.62
CA TRP A 59 3.25 -17.01 2.33
C TRP A 59 2.11 -18.05 2.33
N ASP A 60 2.39 -19.24 2.86
CA ASP A 60 1.36 -20.29 2.92
C ASP A 60 0.13 -19.82 3.70
N LEU A 61 0.37 -19.18 4.83
CA LEU A 61 -0.74 -18.64 5.65
C LEU A 61 -1.53 -17.56 4.88
N LEU A 62 -0.85 -16.51 4.41
CA LEU A 62 -1.56 -15.42 3.73
C LEU A 62 -2.28 -15.85 2.48
N THR A 63 -1.66 -16.75 1.72
CA THR A 63 -2.24 -17.18 0.45
C THR A 63 -3.65 -17.76 0.63
N TYR A 64 -3.87 -18.49 1.73
CA TYR A 64 -5.16 -19.13 1.96
C TYR A 64 -6.02 -18.48 3.02
N HIS A 65 -5.47 -17.53 3.77
CA HIS A 65 -6.20 -16.96 4.89
C HIS A 65 -6.22 -15.43 4.99
N TYR A 66 -5.60 -14.74 4.03
CA TYR A 66 -5.58 -13.28 4.08
C TYR A 66 -6.83 -12.61 3.47
N VAL A 67 -6.74 -11.32 3.17
CA VAL A 67 -7.91 -10.51 2.82
C VAL A 67 -8.69 -11.02 1.59
N GLU A 68 -9.98 -11.27 1.78
CA GLU A 68 -10.91 -11.60 0.69
C GLU A 68 -11.91 -10.46 0.45
N ASP A 69 -12.58 -10.46 -0.70
CA ASP A 69 -13.69 -9.52 -0.90
C ASP A 69 -14.92 -10.07 -0.23
N ASP A 70 -15.96 -9.24 -0.15
CA ASP A 70 -17.18 -9.61 0.56
C ASP A 70 -17.91 -10.79 -0.10
N ASN A 71 -17.64 -10.98 -1.38
CA ASN A 71 -18.28 -12.05 -2.17
C ASN A 71 -17.43 -13.32 -2.28
N ALA A 72 -16.31 -13.32 -1.57
CA ALA A 72 -15.48 -14.52 -1.54
C ALA A 72 -15.14 -14.97 -2.95
N MET A 73 -14.83 -14.02 -3.82
CA MET A 73 -14.36 -14.32 -5.17
C MET A 73 -12.84 -14.18 -5.28
N PHE A 74 -12.29 -13.23 -4.53
CA PHE A 74 -10.86 -12.89 -4.64
C PHE A 74 -10.14 -12.87 -3.30
N ARG A 75 -8.88 -13.27 -3.30
CA ARG A 75 -8.03 -13.17 -2.11
C ARG A 75 -6.66 -12.60 -2.47
N PHE A 76 -6.22 -11.56 -1.76
CA PHE A 76 -4.88 -11.03 -2.00
C PHE A 76 -3.85 -12.17 -1.99
N ARG A 77 -2.88 -12.05 -2.91
CA ARG A 77 -1.85 -13.05 -3.06
C ARG A 77 -0.50 -12.36 -3.11
N TYR A 78 -0.10 -11.75 -1.99
CA TYR A 78 1.20 -11.11 -1.92
C TYR A 78 2.26 -12.15 -2.27
N SER A 79 3.25 -11.77 -3.07
CA SER A 79 4.28 -12.72 -3.46
C SER A 79 5.33 -12.81 -2.37
N GLN A 80 6.14 -13.85 -2.41
CA GLN A 80 7.26 -13.93 -1.47
C GLN A 80 8.22 -12.76 -1.70
N SER A 81 8.39 -12.34 -2.96
CA SER A 81 9.24 -11.19 -3.24
C SER A 81 8.64 -9.93 -2.64
N PHE A 82 7.32 -9.80 -2.75
CA PHE A 82 6.64 -8.67 -2.14
C PHE A 82 6.83 -8.69 -0.62
N LEU A 83 6.71 -9.86 -0.01
CA LEU A 83 6.84 -9.92 1.46
C LEU A 83 8.25 -9.55 1.93
N HIS A 84 9.25 -10.05 1.22
CA HIS A 84 10.64 -9.66 1.46
C HIS A 84 10.80 -8.15 1.42
N TRP A 85 10.25 -7.54 0.37
CA TRP A 85 10.37 -6.12 0.14
C TRP A 85 9.59 -5.32 1.17
N ALA A 86 8.39 -5.77 1.49
CA ALA A 86 7.51 -4.99 2.38
C ALA A 86 7.96 -5.04 3.84
N LEU A 87 8.62 -6.13 4.22
CA LEU A 87 8.87 -6.39 5.64
C LEU A 87 10.32 -6.27 6.06
N MET A 88 11.22 -6.11 5.08
CA MET A 88 12.62 -5.90 5.43
C MET A 88 13.12 -4.56 4.88
N SER A 89 12.29 -3.54 5.06
CA SER A 89 12.61 -2.17 4.69
C SER A 89 13.55 -1.56 5.72
N PRO A 90 14.07 -0.34 5.44
CA PRO A 90 15.12 0.20 6.29
C PRO A 90 14.72 0.31 7.78
N GLY A 91 15.55 -0.25 8.65
CA GLY A 91 15.30 -0.19 10.10
C GLY A 91 14.55 -1.41 10.63
N TRP A 92 14.17 -2.31 9.73
CA TRP A 92 13.35 -3.46 10.13
C TRP A 92 14.02 -4.30 11.24
N LYS A 93 13.17 -4.95 12.02
CA LYS A 93 13.62 -5.83 13.09
C LYS A 93 12.77 -7.09 13.06
N LYS A 94 13.41 -8.26 13.18
CA LYS A 94 12.65 -9.50 13.15
C LYS A 94 11.68 -9.56 14.33
N GLU A 95 12.02 -8.86 15.41
CA GLU A 95 11.17 -8.86 16.59
C GLU A 95 9.78 -8.32 16.28
N TRP A 96 9.65 -7.59 15.18
CA TRP A 96 8.33 -7.06 14.82
C TRP A 96 7.62 -7.93 13.78
N HIS A 97 8.15 -9.13 13.53
CA HIS A 97 7.48 -10.06 12.62
C HIS A 97 6.94 -11.18 13.49
N VAL A 98 5.71 -11.04 13.93
CA VAL A 98 5.18 -11.85 15.02
C VAL A 98 4.31 -12.98 14.49
N GLY A 99 4.59 -14.20 14.93
CA GLY A 99 3.79 -15.33 14.51
C GLY A 99 3.21 -16.08 15.70
N VAL A 100 2.22 -16.92 15.44
CA VAL A 100 1.75 -17.86 16.43
C VAL A 100 1.84 -19.26 15.82
N ARG A 101 2.50 -20.19 16.52
CA ARG A 101 2.55 -21.57 16.04
C ARG A 101 1.77 -22.55 16.92
N ALA A 102 1.25 -23.59 16.29
CA ALA A 102 0.72 -24.72 17.03
C ALA A 102 1.89 -25.46 17.67
N THR A 103 1.79 -25.69 18.98
CA THR A 103 2.90 -26.25 19.72
C THR A 103 3.32 -27.61 19.19
N LYS A 104 2.35 -28.47 18.88
CA LYS A 104 2.65 -29.84 18.47
C LYS A 104 3.10 -29.97 17.02
N SER A 105 2.30 -29.48 16.08
CA SER A 105 2.59 -29.59 14.65
C SER A 105 3.61 -28.56 14.14
N ARG A 106 3.78 -27.48 14.89
CA ARG A 106 4.69 -26.36 14.56
C ARG A 106 4.12 -25.44 13.49
N LYS A 107 2.91 -25.73 13.05
CA LYS A 107 2.27 -24.97 11.98
C LYS A 107 2.07 -23.50 12.36
N LEU A 108 2.48 -22.59 11.47
CA LEU A 108 2.20 -21.16 11.60
C LEU A 108 0.69 -20.87 11.38
N VAL A 109 0.01 -20.37 12.41
CA VAL A 109 -1.45 -20.19 12.34
C VAL A 109 -1.95 -18.75 12.48
N ALA A 110 -1.06 -17.84 12.91
CA ALA A 110 -1.40 -16.42 12.98
C ALA A 110 -0.18 -15.58 12.71
N SER A 111 -0.40 -14.35 12.25
CA SER A 111 0.69 -13.40 12.10
C SER A 111 0.23 -11.95 12.33
N ILE A 112 1.20 -11.11 12.65
CA ILE A 112 0.99 -9.67 12.70
C ILE A 112 2.37 -9.05 12.59
N CYS A 113 2.53 -8.06 11.71
CA CYS A 113 3.85 -7.53 11.39
C CYS A 113 3.91 -6.00 11.45
N GLY A 114 5.08 -5.48 11.77
CA GLY A 114 5.32 -4.05 11.62
C GLY A 114 6.66 -3.74 10.98
N VAL A 115 6.77 -2.58 10.35
CA VAL A 115 8.07 -2.01 9.97
C VAL A 115 8.12 -0.56 10.42
N PRO A 116 9.32 -0.07 10.77
CA PRO A 116 9.46 1.30 11.26
C PRO A 116 9.45 2.32 10.12
N THR A 117 8.89 3.49 10.41
CA THR A 117 9.09 4.63 9.54
C THR A 117 8.76 5.90 10.32
N GLU A 118 8.99 7.05 9.69
CA GLU A 118 8.63 8.32 10.28
C GLU A 118 7.50 8.91 9.48
N ILE A 119 6.54 9.51 10.17
CA ILE A 119 5.47 10.19 9.48
C ILE A 119 5.34 11.63 9.96
N ASN A 120 4.80 12.48 9.09
CA ASN A 120 4.40 13.81 9.50
C ASN A 120 2.89 13.85 9.73
N VAL A 121 2.50 14.27 10.92
CA VAL A 121 1.10 14.52 11.21
C VAL A 121 0.94 16.01 11.49
N ARG A 122 0.43 16.73 10.49
CA ARG A 122 0.33 18.18 10.58
C ARG A 122 1.62 18.80 11.11
N ASN A 123 2.72 18.54 10.41
CA ASN A 123 4.00 19.18 10.72
C ASN A 123 4.66 18.78 12.05
N GLN A 124 4.17 17.71 12.64
CA GLN A 124 4.89 17.06 13.72
C GLN A 124 5.41 15.76 13.15
N LYS A 125 6.72 15.55 13.25
CA LYS A 125 7.31 14.29 12.85
C LYS A 125 7.22 13.28 13.98
N LEU A 126 6.79 12.07 13.63
CA LEU A 126 6.61 11.01 14.62
C LEU A 126 7.31 9.74 14.18
N LYS A 127 7.97 9.06 15.11
CA LYS A 127 8.51 7.74 14.85
C LYS A 127 7.42 6.72 15.08
N VAL A 128 7.08 5.93 14.06
CA VAL A 128 5.99 4.97 14.17
C VAL A 128 6.38 3.58 13.64
N VAL A 129 5.48 2.62 13.84
CA VAL A 129 5.53 1.35 13.12
C VAL A 129 4.28 1.33 12.25
N GLU A 130 4.42 0.90 11.00
CA GLU A 130 3.29 0.58 10.14
C GLU A 130 2.93 -0.88 10.41
N ILE A 131 1.67 -1.14 10.75
CA ILE A 131 1.22 -2.49 11.05
C ILE A 131 0.53 -3.09 9.86
N ASN A 132 0.87 -4.33 9.54
CA ASN A 132 0.34 -4.95 8.34
C ASN A 132 0.31 -6.47 8.49
N PHE A 133 -0.41 -7.13 7.60
CA PHE A 133 -0.49 -8.60 7.58
C PHE A 133 -0.95 -9.23 8.90
N LEU A 134 -1.93 -8.61 9.55
CA LEU A 134 -2.64 -9.25 10.63
C LEU A 134 -3.39 -10.37 9.95
N CYS A 135 -3.14 -11.60 10.40
CA CYS A 135 -3.82 -12.74 9.80
C CYS A 135 -4.05 -13.89 10.80
N ILE A 136 -5.28 -14.39 10.82
CA ILE A 136 -5.59 -15.58 11.61
C ILE A 136 -6.18 -16.68 10.74
N HIS A 137 -5.61 -17.88 10.86
CA HIS A 137 -6.11 -19.06 10.15
C HIS A 137 -7.63 -19.15 10.32
N LYS A 138 -8.35 -19.36 9.22
CA LYS A 138 -9.81 -19.48 9.27
C LYS A 138 -10.33 -20.33 10.44
N LYS A 139 -9.61 -21.39 10.77
CA LYS A 139 -10.11 -22.31 11.77
C LYS A 139 -10.04 -21.70 13.17
N LEU A 140 -9.27 -20.62 13.32
CA LEU A 140 -9.13 -19.98 14.62
C LEU A 140 -9.82 -18.64 14.72
N ARG A 141 -10.69 -18.33 13.76
CA ARG A 141 -11.40 -17.06 13.77
C ARG A 141 -12.43 -16.96 14.91
N SER A 142 -12.74 -15.73 15.30
CA SER A 142 -13.77 -15.49 16.29
C SER A 142 -13.46 -16.12 17.63
N LYS A 143 -12.17 -16.28 17.94
CA LYS A 143 -11.74 -16.57 19.32
C LYS A 143 -11.06 -15.41 20.06
N ARG A 144 -11.22 -14.19 19.57
CA ARG A 144 -10.66 -13.04 20.25
C ARG A 144 -9.13 -13.13 20.36
N LEU A 145 -8.50 -13.79 19.40
CA LEU A 145 -7.04 -13.80 19.33
C LEU A 145 -6.48 -12.46 18.86
N THR A 146 -7.24 -11.73 18.05
CA THR A 146 -6.75 -10.48 17.47
C THR A 146 -6.25 -9.47 18.51
N PRO A 147 -7.07 -9.20 19.55
CA PRO A 147 -6.59 -8.27 20.60
C PRO A 147 -5.30 -8.79 21.26
N VAL A 148 -5.16 -10.11 21.31
CA VAL A 148 -3.96 -10.73 21.86
C VAL A 148 -2.73 -10.47 20.96
N LEU A 149 -2.92 -10.61 19.65
CA LEU A 149 -1.85 -10.34 18.71
C LEU A 149 -1.45 -8.86 18.77
N ILE A 150 -2.46 -8.00 18.81
CA ILE A 150 -2.21 -6.56 18.83
C ILE A 150 -1.47 -6.13 20.10
N LYS A 151 -1.87 -6.68 21.25
CA LYS A 151 -1.20 -6.38 22.50
C LYS A 151 0.27 -6.84 22.51
N GLU A 152 0.55 -7.98 21.89
CA GLU A 152 1.92 -8.52 21.89
C GLU A 152 2.84 -7.71 20.95
N ILE A 153 2.36 -7.35 19.77
CA ILE A 153 3.22 -6.56 18.91
C ILE A 153 3.41 -5.17 19.52
N THR A 154 2.38 -4.69 20.21
CA THR A 154 2.49 -3.42 20.91
C THR A 154 3.61 -3.52 21.96
N ARG A 155 3.58 -4.59 22.74
CA ARG A 155 4.63 -4.83 23.75
C ARG A 155 6.05 -4.86 23.15
N ARG A 156 6.22 -5.58 22.04
CA ARG A 156 7.52 -5.66 21.38
C ARG A 156 7.99 -4.32 20.80
N CYS A 157 7.04 -3.50 20.40
CA CYS A 157 7.35 -2.14 19.94
C CYS A 157 7.73 -1.22 21.10
N TYR A 158 6.94 -1.24 22.16
CA TYR A 158 7.25 -0.47 23.35
C TYR A 158 8.65 -0.78 23.82
N LEU A 159 9.05 -2.05 23.75
CA LEU A 159 10.38 -2.46 24.22
C LEU A 159 11.50 -1.87 23.37
N ASN A 160 11.18 -1.50 22.13
CA ASN A 160 12.16 -0.88 21.23
C ASN A 160 12.00 0.63 21.12
N GLY A 161 11.28 1.23 22.05
CA GLY A 161 11.18 2.67 22.09
C GLY A 161 10.26 3.25 21.03
N ILE A 162 9.27 2.47 20.57
CA ILE A 162 8.26 2.97 19.63
C ILE A 162 6.87 2.87 20.26
N TYR A 163 6.14 3.99 20.28
CA TYR A 163 4.93 4.13 21.09
C TYR A 163 3.73 4.59 20.27
N GLN A 164 3.93 4.75 18.97
CA GLN A 164 2.84 5.10 18.06
C GLN A 164 2.83 4.19 16.84
N ALA A 165 1.67 4.06 16.20
CA ALA A 165 1.57 3.25 14.99
C ALA A 165 0.61 3.90 13.99
N ILE A 166 0.76 3.52 12.73
CA ILE A 166 -0.22 3.84 11.75
C ILE A 166 -0.61 2.55 11.06
N TYR A 167 -1.88 2.43 10.73
CA TYR A 167 -2.31 1.29 9.97
C TYR A 167 -3.54 1.61 9.18
N THR A 168 -3.79 0.72 8.24
CA THR A 168 -4.82 0.85 7.25
C THR A 168 -5.67 -0.41 7.34
N ALA A 169 -6.98 -0.28 7.11
CA ALA A 169 -7.89 -1.39 7.29
C ALA A 169 -9.11 -1.23 6.40
N GLY A 170 -9.70 -2.35 5.98
CA GLY A 170 -10.91 -2.31 5.16
C GLY A 170 -12.18 -2.22 5.97
N VAL A 171 -12.06 -2.35 7.28
CA VAL A 171 -13.23 -2.27 8.14
C VAL A 171 -13.13 -1.09 9.06
N VAL A 172 -14.28 -0.63 9.53
CA VAL A 172 -14.36 0.55 10.37
C VAL A 172 -14.15 0.17 11.84
N LEU A 173 -13.14 0.78 12.45
CA LEU A 173 -12.85 0.68 13.87
C LEU A 173 -12.81 2.10 14.46
N PRO A 174 -12.82 2.21 15.80
CA PRO A 174 -12.74 3.47 16.55
C PRO A 174 -11.85 4.58 15.97
N THR A 175 -12.46 5.73 15.72
CA THR A 175 -11.75 6.98 15.47
C THR A 175 -10.75 6.96 14.28
N PRO A 176 -11.26 6.66 13.08
CA PRO A 176 -10.43 6.74 11.88
C PRO A 176 -9.95 8.17 11.62
N VAL A 177 -8.71 8.30 11.16
CA VAL A 177 -8.16 9.61 10.81
C VAL A 177 -8.56 10.03 9.40
N SER A 178 -8.80 9.05 8.53
CA SER A 178 -9.30 9.35 7.18
C SER A 178 -9.87 8.10 6.51
N SER A 179 -10.58 8.31 5.41
CA SER A 179 -11.16 7.23 4.63
C SER A 179 -10.98 7.58 3.16
N CYS A 180 -10.53 6.60 2.38
CA CYS A 180 -10.28 6.82 0.95
C CYS A 180 -10.96 5.68 0.19
N ARG A 181 -11.49 5.98 -0.99
CA ARG A 181 -12.16 4.99 -1.82
C ARG A 181 -11.26 4.42 -2.91
N TYR A 182 -11.35 3.12 -3.12
CA TYR A 182 -10.63 2.44 -4.20
C TYR A 182 -11.23 2.71 -5.57
N TYR A 183 -10.36 2.92 -6.55
CA TYR A 183 -10.71 3.08 -7.96
C TYR A 183 -9.92 2.12 -8.84
N HIS A 184 -10.49 1.76 -10.00
CA HIS A 184 -9.91 0.68 -10.81
C HIS A 184 -9.99 0.96 -12.29
N ARG A 185 -8.83 1.01 -12.93
CA ARG A 185 -8.72 1.25 -14.36
C ARG A 185 -8.46 -0.06 -15.11
N PRO A 186 -9.45 -0.54 -15.86
CA PRO A 186 -9.25 -1.78 -16.59
C PRO A 186 -8.16 -1.63 -17.63
N LEU A 187 -7.24 -2.59 -17.66
CA LEU A 187 -6.19 -2.64 -18.67
C LEU A 187 -6.49 -3.76 -19.66
N ASP A 188 -6.86 -4.92 -19.13
CA ASP A 188 -7.35 -6.06 -19.91
C ASP A 188 -8.80 -6.29 -19.54
N TRP A 189 -9.70 -5.53 -20.15
CA TRP A 189 -11.11 -5.63 -19.75
C TRP A 189 -11.67 -7.05 -19.87
N LEU A 190 -11.33 -7.74 -20.95
CA LEU A 190 -11.89 -9.08 -21.16
C LEU A 190 -11.50 -10.04 -20.04
N LYS A 191 -10.24 -9.98 -19.62
CA LYS A 191 -9.81 -10.80 -18.50
C LYS A 191 -10.64 -10.50 -17.25
N LEU A 192 -10.83 -9.21 -16.98
CA LEU A 192 -11.56 -8.77 -15.80
C LEU A 192 -13.01 -9.22 -15.85
N TYR A 193 -13.60 -9.13 -17.04
CA TYR A 193 -14.96 -9.61 -17.22
C TYR A 193 -15.00 -11.11 -16.98
N GLU A 194 -14.00 -11.80 -17.55
CA GLU A 194 -13.89 -13.25 -17.46
C GLU A 194 -13.87 -13.80 -16.03
N VAL A 195 -13.26 -13.06 -15.12
CA VAL A 195 -13.14 -13.50 -13.73
C VAL A 195 -14.19 -12.88 -12.82
N GLY A 196 -15.12 -12.14 -13.42
CA GLY A 196 -16.23 -11.55 -12.65
C GLY A 196 -15.87 -10.27 -11.91
N PHE A 197 -14.70 -9.72 -12.21
CA PHE A 197 -14.28 -8.44 -11.62
C PHE A 197 -15.03 -7.26 -12.25
N SER A 198 -15.12 -7.26 -13.58
CA SER A 198 -15.83 -6.20 -14.31
C SER A 198 -17.06 -6.77 -15.02
N PRO A 199 -18.19 -6.13 -14.89
CA PRO A 199 -19.36 -6.67 -15.55
C PRO A 199 -19.58 -6.07 -16.91
N LEU A 200 -20.36 -6.75 -17.71
CA LEU A 200 -20.76 -6.18 -18.99
C LEU A 200 -22.01 -5.35 -18.80
N PRO A 201 -21.84 -4.05 -18.79
CA PRO A 201 -23.00 -3.19 -18.62
C PRO A 201 -23.94 -3.29 -19.77
N ALA A 202 -24.90 -4.19 -19.67
CA ALA A 202 -26.28 -3.91 -19.87
C ALA A 202 -26.72 -3.87 -21.33
N GLY A 203 -26.66 -2.71 -21.92
CA GLY A 203 -26.85 -2.59 -23.36
C GLY A 203 -25.61 -2.76 -24.23
N SER A 204 -24.49 -3.16 -23.64
CA SER A 204 -23.22 -3.13 -24.37
C SER A 204 -22.72 -4.44 -24.92
N THR A 205 -21.49 -4.42 -25.36
CA THR A 205 -20.83 -5.60 -25.90
C THR A 205 -19.38 -5.58 -25.44
N LYS A 206 -18.75 -6.73 -25.46
CA LYS A 206 -17.33 -6.83 -25.21
C LYS A 206 -16.52 -5.89 -26.08
N ALA A 207 -16.76 -5.90 -27.37
CA ALA A 207 -16.05 -5.03 -28.29
C ALA A 207 -16.10 -3.58 -27.83
N ARG A 208 -17.25 -3.15 -27.33
CA ARG A 208 -17.40 -1.76 -26.90
C ARG A 208 -16.62 -1.46 -25.62
N GLN A 209 -16.64 -2.41 -24.69
CA GLN A 209 -15.88 -2.25 -23.46
C GLN A 209 -14.39 -2.25 -23.73
N ILE A 210 -13.95 -3.10 -24.66
CA ILE A 210 -12.54 -3.12 -25.05
C ILE A 210 -12.15 -1.79 -25.71
N THR A 211 -13.01 -1.27 -26.58
CA THR A 211 -12.75 0.02 -27.22
C THR A 211 -12.63 1.13 -26.18
N LYS A 212 -13.61 1.19 -25.28
CA LYS A 212 -13.62 2.21 -24.24
C LYS A 212 -12.31 2.24 -23.45
N ASN A 213 -11.78 1.06 -23.16
CA ASN A 213 -10.59 0.95 -22.35
C ASN A 213 -9.28 0.89 -23.11
N HIS A 214 -9.34 0.98 -24.43
CA HIS A 214 -8.13 0.86 -25.24
C HIS A 214 -7.14 1.99 -24.94
N LEU A 215 -5.85 1.66 -24.97
CA LEU A 215 -4.80 2.63 -24.63
C LEU A 215 -3.75 2.73 -25.72
N PRO A 216 -3.21 3.94 -25.93
CA PRO A 216 -2.11 4.11 -26.87
C PRO A 216 -1.01 3.08 -26.63
N SER A 217 -0.20 2.85 -27.66
CA SER A 217 0.85 1.83 -27.63
C SER A 217 2.13 2.38 -26.99
N THR A 218 2.29 3.70 -27.03
CA THR A 218 3.51 4.30 -26.51
C THR A 218 3.18 5.43 -25.54
N THR A 219 4.11 5.71 -24.63
CA THR A 219 3.96 6.82 -23.70
C THR A 219 4.19 8.13 -24.45
N SER A 220 3.66 9.22 -23.92
CA SER A 220 3.72 10.52 -24.59
C SER A 220 4.61 11.52 -23.86
N THR A 221 4.87 11.30 -22.58
CA THR A 221 5.62 12.31 -21.83
C THR A 221 7.10 12.32 -22.20
N PRO A 222 7.60 13.49 -22.61
CA PRO A 222 8.97 13.53 -23.08
C PRO A 222 9.98 13.34 -21.94
N GLY A 223 10.98 12.49 -22.17
CA GLY A 223 12.02 12.22 -21.18
C GLY A 223 11.69 11.12 -20.19
N LEU A 224 10.48 10.57 -20.28
CA LEU A 224 10.07 9.46 -19.43
C LEU A 224 11.00 8.27 -19.60
N ARG A 225 11.47 7.74 -18.48
CA ARG A 225 12.30 6.55 -18.48
C ARG A 225 12.21 5.88 -17.11
N PRO A 226 12.67 4.62 -17.02
CA PRO A 226 12.76 3.93 -15.73
C PRO A 226 13.72 4.63 -14.78
N MET A 227 13.31 4.77 -13.52
CA MET A 227 14.18 5.34 -12.51
C MET A 227 15.45 4.51 -12.37
N GLU A 228 16.55 5.18 -12.04
CA GLU A 228 17.83 4.52 -11.83
C GLU A 228 18.40 4.96 -10.49
N PRO A 229 19.37 4.20 -9.97
CA PRO A 229 19.95 4.58 -8.69
C PRO A 229 20.48 6.02 -8.68
N LYS A 230 20.97 6.49 -9.83
CA LYS A 230 21.51 7.84 -9.88
C LYS A 230 20.43 8.88 -9.59
N ASP A 231 19.16 8.50 -9.73
CA ASP A 231 18.07 9.46 -9.56
C ASP A 231 17.65 9.63 -8.09
N ILE A 232 18.25 8.88 -7.18
CA ILE A 232 17.75 8.81 -5.80
C ILE A 232 17.73 10.18 -5.11
N ASP A 233 18.84 10.89 -5.12
CA ASP A 233 18.87 12.16 -4.41
C ASP A 233 17.81 13.14 -4.90
N THR A 234 17.67 13.28 -6.21
CA THR A 234 16.74 14.29 -6.71
C THR A 234 15.28 13.85 -6.60
N VAL A 235 15.04 12.54 -6.70
CA VAL A 235 13.68 12.04 -6.47
C VAL A 235 13.32 12.18 -5.00
N HIS A 236 14.30 11.92 -4.13
CA HIS A 236 14.08 12.08 -2.70
C HIS A 236 13.66 13.49 -2.36
N ASP A 237 14.32 14.48 -2.96
CA ASP A 237 14.01 15.87 -2.66
C ASP A 237 12.64 16.29 -3.22
N LEU A 238 12.37 15.91 -4.46
CA LEU A 238 11.08 16.23 -5.10
C LEU A 238 9.91 15.58 -4.37
N LEU A 239 10.08 14.31 -3.96
CA LEU A 239 9.02 13.58 -3.27
C LEU A 239 8.70 14.23 -1.93
N GLN A 240 9.74 14.54 -1.16
CA GLN A 240 9.54 15.18 0.13
C GLN A 240 8.84 16.53 -0.01
N ARG A 241 9.25 17.35 -0.96
CA ARG A 241 8.54 18.62 -1.21
C ARG A 241 7.08 18.39 -1.59
N TYR A 242 6.85 17.41 -2.46
CA TYR A 242 5.49 17.13 -2.89
C TYR A 242 4.62 16.62 -1.72
N LEU A 243 5.15 15.67 -0.95
CA LEU A 243 4.37 15.10 0.13
C LEU A 243 4.11 16.11 1.24
N SER A 244 4.95 17.14 1.31
CA SER A 244 4.79 18.13 2.38
C SER A 244 3.48 18.88 2.21
N ARG A 245 2.83 18.66 1.07
CA ARG A 245 1.56 19.32 0.78
C ARG A 245 0.37 18.55 1.38
N PHE A 246 0.64 17.50 2.15
CA PHE A 246 -0.43 16.71 2.76
C PHE A 246 -0.34 16.69 4.29
N ALA A 247 -1.48 16.84 4.96
CA ALA A 247 -1.52 16.89 6.43
C ALA A 247 -0.88 15.66 7.03
N LEU A 248 -1.21 14.50 6.47
CA LEU A 248 -0.66 13.23 6.92
C LEU A 248 0.23 12.67 5.83
N ASN A 249 1.51 12.49 6.10
CA ASN A 249 2.40 11.97 5.06
C ASN A 249 3.56 11.15 5.57
N GLN A 250 4.21 10.42 4.67
CA GLN A 250 5.38 9.63 5.03
C GLN A 250 6.66 10.45 4.86
N ALA A 251 7.47 10.49 5.90
CA ALA A 251 8.70 11.28 5.90
C ALA A 251 9.91 10.49 5.40
N PHE A 252 9.95 10.29 4.09
CA PHE A 252 10.96 9.45 3.42
C PHE A 252 12.41 9.81 3.73
N THR A 253 13.20 8.80 4.07
CA THR A 253 14.65 8.94 4.16
C THR A 253 15.27 8.54 2.82
N ARG A 254 16.57 8.73 2.67
CA ARG A 254 17.24 8.34 1.43
C ARG A 254 17.23 6.82 1.24
N GLU A 255 17.49 6.08 2.31
CA GLU A 255 17.44 4.62 2.22
C GLU A 255 16.04 4.15 1.84
N GLU A 256 15.04 4.84 2.36
CA GLU A 256 13.67 4.50 2.06
C GLU A 256 13.35 4.72 0.58
N VAL A 257 13.95 5.75 -0.02
CA VAL A 257 13.75 5.95 -1.46
C VAL A 257 14.42 4.82 -2.24
N ASP A 258 15.64 4.47 -1.84
CA ASP A 258 16.32 3.37 -2.50
C ASP A 258 15.49 2.10 -2.39
N HIS A 259 15.05 1.77 -1.17
CA HIS A 259 14.36 0.50 -0.95
C HIS A 259 12.99 0.40 -1.61
N TRP A 260 12.17 1.44 -1.44
CA TRP A 260 10.78 1.36 -1.86
C TRP A 260 10.59 1.71 -3.33
N LEU A 261 11.58 2.36 -3.93
CA LEU A 261 11.41 2.91 -5.27
C LEU A 261 12.31 2.32 -6.36
N VAL A 262 13.49 1.83 -6.03
CA VAL A 262 14.35 1.31 -7.08
C VAL A 262 14.57 -0.20 -7.02
N HIS A 263 13.89 -0.87 -7.95
CA HIS A 263 13.96 -2.30 -8.14
C HIS A 263 15.40 -2.73 -8.41
N LYS A 264 15.85 -3.76 -7.70
CA LYS A 264 17.17 -4.36 -7.92
C LYS A 264 17.04 -5.71 -8.63
N PRO A 265 17.14 -5.70 -9.97
CA PRO A 265 16.98 -6.90 -10.80
C PRO A 265 18.00 -7.97 -10.47
N GLU A 266 19.15 -7.57 -9.95
CA GLU A 266 20.23 -8.51 -9.71
C GLU A 266 19.94 -9.38 -8.53
N THR A 267 19.01 -8.96 -7.71
CA THR A 267 18.83 -9.59 -6.43
C THR A 267 17.35 -9.89 -6.18
N VAL A 268 16.48 -9.33 -7.03
CA VAL A 268 15.04 -9.61 -6.99
C VAL A 268 14.58 -10.20 -8.32
N LYS A 269 14.42 -11.51 -8.40
CA LYS A 269 14.02 -12.05 -9.69
C LYS A 269 12.56 -11.70 -10.03
N GLU A 270 11.68 -11.70 -9.04
CA GLU A 270 10.29 -11.31 -9.30
C GLU A 270 10.00 -9.85 -8.95
N GLN A 271 10.07 -8.97 -9.94
CA GLN A 271 9.91 -7.54 -9.72
C GLN A 271 8.58 -7.18 -9.07
N VAL A 272 8.65 -6.31 -8.07
CA VAL A 272 7.45 -5.88 -7.37
C VAL A 272 7.18 -4.38 -7.52
N VAL A 273 8.23 -3.58 -7.69
CA VAL A 273 8.03 -2.14 -7.83
C VAL A 273 8.55 -1.65 -9.18
N TRP A 274 7.71 -0.84 -9.85
CA TRP A 274 8.09 -0.14 -11.07
C TRP A 274 8.15 1.36 -10.75
N ALA A 275 9.23 2.04 -11.12
CA ALA A 275 9.28 3.48 -10.93
C ALA A 275 9.81 4.14 -12.19
N TYR A 276 9.25 5.29 -12.51
CA TYR A 276 9.63 6.03 -13.72
C TYR A 276 9.86 7.50 -13.39
N VAL A 277 10.87 8.07 -14.04
CA VAL A 277 11.17 9.47 -13.88
C VAL A 277 11.04 10.17 -15.21
N VAL A 278 10.75 11.47 -15.16
CA VAL A 278 10.82 12.29 -16.33
C VAL A 278 12.05 13.18 -16.23
N GLU A 279 12.97 13.00 -17.17
CA GLU A 279 14.24 13.68 -17.16
C GLU A 279 14.09 14.79 -18.18
N ASP A 280 14.07 16.05 -17.74
CA ASP A 280 13.76 17.10 -18.68
C ASP A 280 14.64 17.03 -19.92
N PRO A 281 14.04 17.14 -21.11
CA PRO A 281 14.85 17.20 -22.31
C PRO A 281 15.97 18.26 -22.26
N GLU A 282 15.80 19.38 -21.59
CA GLU A 282 16.81 20.46 -21.58
C GLU A 282 17.75 20.56 -20.42
N THR A 283 17.23 20.47 -19.22
CA THR A 283 18.02 20.64 -18.04
C THR A 283 18.58 19.32 -17.63
N HIS A 284 18.01 18.27 -18.17
CA HIS A 284 18.22 16.95 -17.67
C HIS A 284 18.04 16.77 -16.17
N LYS A 285 17.28 17.66 -15.57
CA LYS A 285 16.87 17.48 -14.18
C LYS A 285 15.61 16.59 -14.15
N ILE A 286 15.43 15.75 -13.17
CA ILE A 286 14.15 15.04 -13.14
C ILE A 286 13.09 16.01 -12.63
N THR A 287 11.97 16.08 -13.34
CA THR A 287 10.91 17.02 -13.00
C THR A 287 9.63 16.34 -12.54
N ASP A 288 9.54 15.04 -12.78
CA ASP A 288 8.40 14.26 -12.29
C ASP A 288 8.82 12.82 -12.06
N PHE A 289 8.00 12.08 -11.32
CA PHE A 289 8.17 10.65 -11.24
C PHE A 289 6.87 10.00 -10.77
N PHE A 290 6.69 8.73 -11.11
CA PHE A 290 5.59 7.94 -10.56
C PHE A 290 6.02 6.49 -10.41
N SER A 291 5.24 5.71 -9.67
CA SER A 291 5.61 4.35 -9.37
C SER A 291 4.34 3.53 -9.12
N PHE A 292 4.42 2.23 -9.31
CA PHE A 292 3.32 1.35 -9.00
C PHE A 292 3.85 -0.02 -8.64
N TYR A 293 3.09 -0.79 -7.87
CA TYR A 293 3.58 -2.08 -7.42
C TYR A 293 2.61 -3.19 -7.79
N ASN A 294 3.13 -4.41 -7.72
CA ASN A 294 2.48 -5.59 -8.26
C ASN A 294 1.86 -6.36 -7.11
N LEU A 295 0.53 -6.53 -7.10
CA LEU A 295 -0.14 -7.33 -6.07
C LEU A 295 -1.25 -8.12 -6.73
N GLU A 296 -1.02 -9.42 -6.94
CA GLU A 296 -2.05 -10.28 -7.52
C GLU A 296 -3.11 -10.64 -6.49
N SER A 297 -4.30 -10.95 -7.00
CA SER A 297 -5.32 -11.65 -6.30
C SER A 297 -5.60 -13.05 -6.89
N THR A 298 -5.75 -14.01 -6.02
CA THR A 298 -6.20 -15.25 -6.47
C THR A 298 -7.71 -15.24 -6.70
N VAL A 299 -8.07 -15.77 -7.84
CA VAL A 299 -9.43 -15.86 -8.25
C VAL A 299 -9.96 -17.16 -7.65
N ILE A 300 -10.70 -17.04 -6.56
CA ILE A 300 -11.16 -18.20 -5.84
C ILE A 300 -12.03 -19.12 -6.74
N GLN A 301 -11.43 -19.90 -7.61
CA GLN A 301 -12.14 -20.60 -8.65
C GLN A 301 -11.29 -20.76 -9.93
N HIS A 305 -9.82 -18.38 -15.22
CA HIS A 305 -8.46 -18.04 -14.79
C HIS A 305 -8.30 -18.29 -13.32
N ASP A 306 -7.05 -18.15 -12.86
CA ASP A 306 -6.79 -18.26 -11.43
C ASP A 306 -6.17 -17.03 -10.76
N ASN A 307 -5.78 -15.99 -11.51
CA ASN A 307 -5.13 -14.82 -10.90
C ASN A 307 -5.42 -13.47 -11.58
N VAL A 308 -5.80 -12.48 -10.80
CA VAL A 308 -5.89 -11.12 -11.29
C VAL A 308 -4.56 -10.44 -11.01
N ARG A 309 -3.91 -9.91 -12.05
CA ARG A 309 -2.63 -9.24 -11.87
C ARG A 309 -2.86 -7.75 -11.82
N ALA A 310 -2.90 -7.22 -10.60
CA ALA A 310 -3.18 -5.81 -10.40
C ALA A 310 -1.91 -5.01 -10.14
N ALA A 311 -1.83 -3.85 -10.75
CA ALA A 311 -0.80 -2.87 -10.40
C ALA A 311 -1.46 -1.80 -9.53
N TYR A 312 -0.80 -1.41 -8.44
CA TYR A 312 -1.33 -0.34 -7.59
C TYR A 312 -0.50 0.93 -7.69
N LEU A 313 -1.14 2.06 -7.88
CA LEU A 313 -0.40 3.31 -7.89
C LEU A 313 0.26 3.53 -6.51
N TYR A 314 1.50 3.91 -6.48
CA TYR A 314 2.22 4.15 -5.26
C TYR A 314 2.56 5.64 -5.13
N TYR A 315 3.81 5.97 -4.92
CA TYR A 315 4.14 7.36 -4.82
C TYR A 315 4.44 7.99 -6.19
N TYR A 316 4.14 9.27 -6.31
CA TYR A 316 4.47 10.10 -7.44
C TYR A 316 4.75 11.55 -6.98
N ALA A 317 5.33 12.36 -7.85
CA ALA A 317 5.61 13.75 -7.58
C ALA A 317 5.80 14.50 -8.90
N THR A 318 5.45 15.78 -8.93
CA THR A 318 5.68 16.60 -10.13
C THR A 318 6.04 18.03 -9.72
N GLU A 319 7.00 18.64 -10.42
CA GLU A 319 7.36 20.03 -10.16
C GLU A 319 6.17 20.97 -10.39
N THR A 320 5.26 20.56 -11.26
CA THR A 320 4.10 21.41 -11.56
C THR A 320 3.27 21.73 -10.32
N ALA A 321 3.27 20.82 -9.34
CA ALA A 321 2.51 21.02 -8.09
C ALA A 321 2.79 22.38 -7.45
N PHE A 322 4.01 22.87 -7.60
CA PHE A 322 4.46 24.01 -6.82
C PHE A 322 4.15 25.37 -7.45
N THR A 323 3.36 25.34 -8.52
CA THR A 323 2.99 26.58 -9.20
C THR A 323 1.48 26.79 -9.17
N MET A 326 -1.29 26.86 -11.30
CA MET A 326 -2.37 25.94 -11.57
C MET A 326 -3.33 26.59 -12.55
N LYS A 327 -4.04 25.81 -13.33
CA LYS A 327 -4.33 24.43 -13.10
C LYS A 327 -3.48 23.48 -13.88
N ALA A 328 -2.21 23.78 -13.97
CA ALA A 328 -1.36 22.97 -14.71
C ALA A 328 -1.17 21.62 -13.98
N LEU A 329 -1.52 21.50 -12.73
CA LEU A 329 -1.32 20.21 -12.08
C LEU A 329 -2.19 19.10 -12.67
N LYS A 330 -3.46 19.34 -12.72
CA LYS A 330 -4.35 18.37 -13.35
C LYS A 330 -3.80 17.95 -14.71
N GLU A 331 -3.44 18.92 -15.54
CA GLU A 331 -3.00 18.62 -16.91
C GLU A 331 -1.75 17.74 -16.90
N ARG A 332 -0.80 18.06 -16.04
CA ARG A 332 0.41 17.26 -15.95
C ARG A 332 0.12 15.86 -15.44
N LEU A 333 -0.72 15.74 -14.42
CA LEU A 333 -1.04 14.42 -13.89
C LEU A 333 -1.76 13.58 -14.94
N LEU A 334 -2.64 14.20 -15.72
CA LEU A 334 -3.31 13.46 -16.79
C LEU A 334 -2.30 12.82 -17.74
N MET A 335 -1.23 13.54 -18.02
CA MET A 335 -0.17 13.04 -18.89
C MET A 335 0.60 11.89 -18.24
N LEU A 336 1.12 12.12 -17.03
CA LEU A 336 1.90 11.10 -16.33
C LEU A 336 1.11 9.81 -16.06
N MET A 337 -0.11 9.96 -15.56
CA MET A 337 -0.88 8.79 -15.16
C MET A 337 -1.40 7.98 -16.35
N ASN A 338 -1.72 8.65 -17.45
CA ASN A 338 -2.08 7.90 -18.65
C ASN A 338 -0.85 7.11 -19.13
N ASP A 339 0.33 7.72 -19.03
CA ASP A 339 1.58 7.01 -19.30
C ASP A 339 1.78 5.83 -18.34
N ALA A 340 1.45 6.02 -17.06
CA ALA A 340 1.56 4.93 -16.09
C ALA A 340 0.67 3.75 -16.49
N LEU A 341 -0.53 4.06 -16.98
CA LEU A 341 -1.44 3.03 -17.46
C LEU A 341 -0.86 2.25 -18.63
N ILE A 342 -0.30 2.99 -19.60
CA ILE A 342 0.34 2.39 -20.76
C ILE A 342 1.47 1.45 -20.36
N LEU A 343 2.32 1.92 -19.45
CA LEU A 343 3.43 1.11 -18.96
C LEU A 343 2.98 -0.14 -18.23
N ALA A 344 1.95 -0.01 -17.40
CA ALA A 344 1.42 -1.17 -16.70
C ALA A 344 0.80 -2.20 -17.67
N LYS A 345 0.06 -1.73 -18.68
CA LYS A 345 -0.52 -2.63 -19.67
C LYS A 345 0.61 -3.38 -20.38
N LYS A 346 1.66 -2.64 -20.72
CA LYS A 346 2.81 -3.21 -21.41
C LYS A 346 3.46 -4.30 -20.57
N ALA A 347 3.43 -4.14 -19.25
CA ALA A 347 3.97 -5.15 -18.36
C ALA A 347 2.92 -6.21 -17.99
N HIS A 348 1.86 -6.31 -18.79
CA HIS A 348 0.87 -7.39 -18.67
C HIS A 348 -0.03 -7.37 -17.42
N PHE A 349 -0.15 -6.22 -16.77
CA PHE A 349 -1.11 -6.10 -15.67
C PHE A 349 -2.54 -6.03 -16.21
N ASP A 350 -3.48 -6.60 -15.46
CA ASP A 350 -4.88 -6.68 -15.88
C ASP A 350 -5.66 -5.43 -15.53
N VAL A 351 -5.30 -4.81 -14.40
CA VAL A 351 -6.04 -3.65 -13.88
C VAL A 351 -5.07 -2.72 -13.16
N PHE A 352 -5.42 -1.45 -13.08
CA PHE A 352 -4.59 -0.44 -12.40
C PHE A 352 -5.41 0.17 -11.29
N ASN A 353 -4.98 -0.02 -10.05
CA ASN A 353 -5.74 0.45 -8.91
C ASN A 353 -5.15 1.71 -8.26
N ALA A 354 -6.03 2.58 -7.79
CA ALA A 354 -5.60 3.81 -7.11
C ALA A 354 -6.65 4.22 -6.11
N LEU A 355 -6.24 4.98 -5.10
CA LEU A 355 -7.16 5.45 -4.08
C LEU A 355 -7.35 6.94 -4.29
N THR A 356 -8.28 7.53 -3.55
CA THR A 356 -8.61 8.95 -3.68
C THR A 356 -7.66 9.90 -2.97
N LEU A 357 -6.54 9.39 -2.52
CA LEU A 357 -5.56 10.13 -1.80
C LEU A 357 -4.58 10.89 -2.73
N HIS A 358 -3.50 11.38 -2.24
CA HIS A 358 -2.66 12.36 -2.90
C HIS A 358 -3.61 13.31 -3.73
N ASP A 359 -3.25 13.60 -4.98
CA ASP A 359 -4.02 14.50 -5.84
C ASP A 359 -4.84 13.66 -6.82
N ASN A 360 -5.02 12.39 -6.48
CA ASN A 360 -5.65 11.45 -7.41
C ASN A 360 -7.04 11.87 -7.91
N PRO A 361 -7.85 12.50 -7.06
CA PRO A 361 -9.15 12.92 -7.55
C PRO A 361 -9.06 13.81 -8.80
N LEU A 362 -7.88 14.37 -9.08
CA LEU A 362 -7.73 15.22 -10.26
C LEU A 362 -7.83 14.44 -11.57
N PHE A 363 -7.53 13.14 -11.54
CA PHE A 363 -7.41 12.38 -12.78
C PHE A 363 -8.23 11.09 -12.87
N LEU A 364 -8.76 10.59 -11.75
CA LEU A 364 -9.40 9.27 -11.77
C LEU A 364 -10.52 9.15 -12.81
N GLU A 365 -11.53 10.00 -12.71
CA GLU A 365 -12.64 9.97 -13.67
C GLU A 365 -12.22 10.07 -15.12
N GLN A 366 -11.45 11.11 -15.44
CA GLN A 366 -11.10 11.37 -16.83
C GLN A 366 -10.23 10.27 -17.45
N LEU A 367 -9.40 9.61 -16.65
CA LEU A 367 -8.61 8.48 -17.18
C LEU A 367 -9.38 7.16 -17.08
N LYS A 368 -10.68 7.26 -16.81
CA LYS A 368 -11.56 6.08 -16.84
C LYS A 368 -11.28 5.02 -15.76
N PHE A 369 -10.88 5.46 -14.57
CA PHE A 369 -10.92 4.58 -13.40
C PHE A 369 -12.38 4.49 -12.98
N GLY A 370 -12.86 3.27 -12.74
CA GLY A 370 -14.21 3.08 -12.24
C GLY A 370 -14.22 3.02 -10.72
N ALA A 371 -15.28 3.55 -10.10
CA ALA A 371 -15.42 3.55 -8.65
C ALA A 371 -15.57 2.13 -8.09
N GLY A 372 -14.85 1.85 -7.03
CA GLY A 372 -14.87 0.53 -6.43
C GLY A 372 -15.73 0.47 -5.17
N ASP A 373 -15.98 -0.75 -4.70
CA ASP A 373 -16.74 -0.93 -3.50
C ASP A 373 -15.84 -0.79 -2.28
N GLY A 374 -14.55 -1.02 -2.49
CA GLY A 374 -13.57 -1.00 -1.41
C GLY A 374 -13.28 0.37 -0.82
N GLN A 375 -13.12 0.40 0.50
CA GLN A 375 -12.78 1.62 1.20
C GLN A 375 -11.63 1.29 2.14
N LEU A 376 -10.63 2.17 2.18
CA LEU A 376 -9.51 2.00 3.09
C LEU A 376 -9.58 3.08 4.16
N HIS A 377 -9.64 2.65 5.42
CA HIS A 377 -9.69 3.53 6.56
C HIS A 377 -8.32 3.58 7.23
N PHE A 378 -7.88 4.79 7.59
CA PHE A 378 -6.56 5.06 8.15
C PHE A 378 -6.67 5.35 9.64
N TYR A 379 -5.73 4.82 10.40
CA TYR A 379 -5.74 4.91 11.86
C TYR A 379 -4.38 5.23 12.44
N LEU A 380 -4.38 6.00 13.51
CA LEU A 380 -3.19 6.19 14.34
C LEU A 380 -3.41 5.62 15.72
N TYR A 381 -2.40 4.92 16.22
CA TYR A 381 -2.40 4.42 17.59
C TYR A 381 -1.61 5.36 18.49
N ASN A 382 -2.24 5.76 19.59
CA ASN A 382 -1.61 6.60 20.61
C ASN A 382 -1.23 7.98 20.10
N TYR A 383 -1.99 8.46 19.12
CA TYR A 383 -1.82 9.83 18.66
C TYR A 383 -3.17 10.42 18.30
N ARG A 384 -3.44 11.60 18.84
CA ARG A 384 -4.67 12.34 18.57
C ARG A 384 -4.41 13.46 17.56
N THR A 385 -5.23 13.50 16.52
CA THR A 385 -5.22 14.62 15.56
C THR A 385 -6.60 14.72 14.93
N ALA A 386 -6.95 15.91 14.43
CA ALA A 386 -8.23 16.11 13.77
C ALA A 386 -8.34 15.23 12.52
N PRO A 387 -9.58 14.87 12.13
CA PRO A 387 -9.71 14.12 10.90
C PRO A 387 -9.06 14.84 9.72
N VAL A 388 -8.55 14.07 8.77
CA VAL A 388 -7.93 14.64 7.59
C VAL A 388 -8.74 14.20 6.37
N PRO A 389 -8.90 15.11 5.38
CA PRO A 389 -9.71 14.78 4.20
C PRO A 389 -9.10 13.65 3.39
N GLY A 390 -9.95 12.76 2.86
CA GLY A 390 -9.48 11.57 2.16
C GLY A 390 -9.75 11.57 0.65
N GLY A 391 -9.99 12.76 0.09
CA GLY A 391 -10.15 12.86 -1.36
C GLY A 391 -11.56 12.70 -1.87
N VAL A 392 -12.52 12.49 -0.96
CA VAL A 392 -13.91 12.30 -1.35
C VAL A 392 -14.83 13.24 -0.56
N ASN A 393 -16.05 13.42 -1.06
CA ASN A 393 -17.05 14.20 -0.34
C ASN A 393 -18.01 13.28 0.40
N GLU A 394 -19.09 13.84 0.96
CA GLU A 394 -20.02 13.08 1.80
C GLU A 394 -20.77 12.00 1.03
N LYS A 395 -20.63 12.02 -0.29
CA LYS A 395 -21.28 11.03 -1.15
C LYS A 395 -20.27 9.97 -1.58
N ASN A 396 -19.07 10.04 -1.00
CA ASN A 396 -18.00 9.09 -1.29
C ASN A 396 -17.54 9.15 -2.75
N LEU A 397 -17.62 10.34 -3.34
CA LEU A 397 -17.11 10.52 -4.69
C LEU A 397 -15.97 11.52 -4.67
N PRO A 398 -15.02 11.38 -5.62
CA PRO A 398 -13.81 12.19 -5.65
C PRO A 398 -14.13 13.67 -5.65
N ASP A 399 -13.40 14.43 -4.82
CA ASP A 399 -13.61 15.87 -4.69
C ASP A 399 -12.27 16.60 -4.61
N GLU A 400 -12.02 17.48 -5.59
CA GLU A 400 -10.79 18.27 -5.67
C GLU A 400 -10.61 19.21 -4.49
N LYS A 401 -11.69 19.53 -3.78
CA LYS A 401 -11.61 20.43 -2.64
C LYS A 401 -11.45 19.63 -1.35
N ARG A 402 -11.33 18.30 -1.50
CA ARG A 402 -11.20 17.40 -0.36
C ARG A 402 -9.87 16.65 -0.39
N MET A 403 -8.86 17.27 -1.00
CA MET A 403 -7.56 16.64 -1.12
C MET A 403 -6.66 17.21 -0.03
N GLY A 404 -5.35 17.12 -0.19
CA GLY A 404 -4.42 17.73 0.78
C GLY A 404 -4.38 17.06 2.13
N GLY A 405 -5.04 15.93 2.27
CA GLY A 405 -5.12 15.28 3.56
C GLY A 405 -4.16 14.09 3.69
N VAL A 406 -4.37 13.10 2.84
CA VAL A 406 -3.64 11.83 2.94
C VAL A 406 -2.52 11.71 1.91
N GLY A 407 -1.28 11.70 2.39
CA GLY A 407 -0.09 11.61 1.54
C GLY A 407 0.79 10.45 1.94
N ILE A 408 0.15 9.38 2.40
CA ILE A 408 0.83 8.16 2.75
C ILE A 408 0.12 6.98 2.12
N VAL A 409 0.90 6.11 1.50
CA VAL A 409 0.35 4.91 0.86
C VAL A 409 0.88 3.69 1.59
N MET A 410 -0.03 2.86 2.12
CA MET A 410 0.39 1.64 2.78
C MET A 410 0.03 0.45 1.91
N LEU A 411 0.70 -0.66 2.13
CA LEU A 411 0.69 -1.78 1.18
C LEU A 411 -0.31 -2.88 1.50
S1 MYA B . -5.67 -5.02 8.04
C2 MYA B . -5.65 -6.75 7.51
C3 MYA B . -6.49 -7.64 8.43
N4 MYA B . -6.47 -9.00 7.93
C5 MYA B . -7.45 -9.54 7.20
O5 MYA B . -8.47 -8.94 6.85
C6 MYA B . -7.20 -11.00 6.83
C7 MYA B . -8.52 -11.78 6.91
N8 MYA B . -9.05 -11.73 8.28
C9 MYA B . -8.42 -12.30 9.32
O9 MYA B . -7.32 -12.86 9.25
C10 MYA B . -9.19 -12.19 10.64
O10 MYA B . -10.56 -11.98 10.32
C11 MYA B . -8.71 -11.03 11.51
C12 MYA B . -9.66 -10.84 12.70
C13 MYA B . -8.73 -9.74 10.69
C14 MYA B . -7.30 -11.30 12.02
N1A MYA B . -7.75 -4.47 12.45
O1A MYA B . -12.15 -12.74 17.43
P1A MYA B . -11.07 -12.01 16.72
C1X MYA B . -10.97 -6.63 15.89
C2A MYA B . -7.81 -4.27 13.76
O2A MYA B . -9.68 -12.53 16.76
P2A MYA B . -11.14 -12.62 13.93
C2M MYA B . -4.17 -5.04 8.91
O2M MYA B . -3.39 -5.98 8.74
C2X MYA B . -12.50 -6.62 15.88
O2X MYA B . -12.97 -5.27 15.82
N3A MYA B . -8.69 -4.88 14.55
O3A MYA B . -11.52 -11.72 15.22
C3M MYA B . -3.89 -3.95 9.93
C3X MYA B . -12.78 -7.22 17.26
O3X MYA B . -12.51 -6.26 18.29
P3X MYA B . -13.80 -5.61 19.08
C4A MYA B . -9.55 -5.76 14.01
O4A MYA B . -10.94 -14.01 14.34
C4M MYA B . -4.15 -4.51 11.33
C4X MYA B . -11.66 -8.25 17.37
O4X MYA B . -10.70 -7.96 16.29
C5A MYA B . -9.51 -6.01 12.65
O5A MYA B . -12.12 -12.27 12.88
C5M MYA B . -3.95 -3.44 12.41
C5X MYA B . -12.15 -9.68 17.21
O5X MYA B . -11.03 -10.53 17.34
C6A MYA B . -8.60 -5.33 11.87
N6A MYA B . -8.58 -5.57 10.55
O6A MYA B . -9.72 -11.99 13.51
C6M MYA B . -4.06 -4.03 13.82
N7A MYA B . -10.46 -6.89 12.37
O7A MYA B . -15.10 -6.59 18.99
C7M MYA B . -4.08 -2.93 14.92
C8A MYA B . -11.08 -7.21 13.50
O8A MYA B . -13.48 -4.72 20.44
C8M MYA B . -2.72 -2.23 15.06
N9A MYA B . -10.53 -6.53 14.49
O9A MYA B . -13.45 -6.57 20.16
C9M MYA B . -2.59 -1.52 16.43
CAM MYA B . -1.18 -0.94 16.65
CBM MYA B . -0.25 -2.04 17.23
CCM MYA B . 1.17 -1.53 17.33
CDM MYA B . 1.28 -0.37 18.33
CEM MYA B . 2.76 0.02 18.51
CFM MYA B . 2.91 1.14 19.54
CAA 646 C . -9.49 -7.85 -6.81
CAB 646 C . -11.06 -7.25 -1.99
CAC 646 C . -8.82 -9.38 -2.21
OAD 646 C . -12.17 -3.88 -5.68
OAE 646 C . -9.85 -4.71 -6.09
CLF 646 C . -7.91 -3.78 -4.34
CLG 646 C . -13.09 -4.68 -2.76
CAH 646 C . -9.80 -2.81 2.71
CAI 646 C . -10.27 -2.98 1.41
CAJ 646 C . -8.82 -3.62 -1.87
CAK 646 C . -11.06 -4.00 -1.17
CAL 646 C . -8.07 -3.72 0.84
CAM 646 C . -4.14 -2.77 2.33
CAN 646 C . -4.81 -3.52 4.50
CAO 646 C . -5.22 -3.57 1.61
CAP 646 C . -6.03 -4.27 3.94
NAQ 646 C . -8.54 -3.10 3.05
NAR 646 C . -9.02 -8.75 -4.43
NAS 646 C . -3.69 -3.49 3.52
NAT 646 C . -11.47 -6.29 -4.97
CAU 646 C . -9.68 -7.95 -5.30
CAV 646 C . -10.34 -7.70 -3.27
CAW 646 C . -9.18 -3.90 -3.19
CAX 646 C . -11.42 -4.28 -2.48
CAY 646 C . -9.38 -3.41 0.45
CAZ 646 C . -9.75 -3.65 -0.86
CBA 646 C . -7.66 -3.54 2.16
CBB 646 C . -10.59 -7.23 -4.54
CBC 646 C . -10.50 -4.22 -3.51
NBD 646 C . -6.33 -3.81 2.57
NBE 646 C . -9.37 -8.62 -3.36
SBF 646 C . -11.02 -4.70 -5.14
#